data_7YSI
#
_entry.id   7YSI
#
_cell.length_a   34.590
_cell.length_b   55.010
_cell.length_c   78.090
_cell.angle_alpha   90.000
_cell.angle_beta   90.000
_cell.angle_gamma   90.000
#
_symmetry.space_group_name_H-M   'P 21 21 21'
#
loop_
_entity.id
_entity.type
_entity.pdbx_description
1 polymer 'Thiol disulfide reductase thioredoxin'
2 non-polymer 'ZINC ION'
3 water water
#
_entity_poly.entity_id   1
_entity_poly.type   'polypeptide(L)'
_entity_poly.pdbx_seq_one_letter_code
;GSHMMIIVCASCDAKNRVPEEKLTAQPSCGQCHQPLLPLEPIELNEQNFSNYITNSDLPILIDLWAEWCGPCKMMAPHFA
QVAKQNPRVIFAKINTEESPRLSQAFNVRSIPTLVLMNKTTEVARMSGALRAPELQQWLDQQLQTNFGS
;
_entity_poly.pdbx_strand_id   A
#
loop_
_chem_comp.id
_chem_comp.type
_chem_comp.name
_chem_comp.formula
ZN non-polymer 'ZINC ION' 'Zn 2'
#
# COMPACT_ATOMS: atom_id res chain seq x y z
N GLY A 1 10.92 4.50 -25.74
CA GLY A 1 9.87 4.75 -24.70
C GLY A 1 10.41 5.37 -23.42
N SER A 2 9.49 5.87 -22.61
CA SER A 2 9.81 6.59 -21.38
C SER A 2 9.75 5.69 -20.14
N HIS A 3 9.86 4.38 -20.31
CA HIS A 3 9.79 3.44 -19.16
C HIS A 3 8.55 3.75 -18.31
N MET A 4 7.41 3.82 -19.00
CA MET A 4 6.17 4.16 -18.30
C MET A 4 5.81 3.09 -17.28
N MET A 5 5.43 3.55 -16.08
CA MET A 5 4.96 2.72 -14.99
C MET A 5 3.53 3.11 -14.68
N ILE A 6 2.66 2.12 -14.51
CA ILE A 6 1.26 2.41 -14.23
C ILE A 6 1.12 2.65 -12.74
N ILE A 7 0.78 3.90 -12.39
CA ILE A 7 0.52 4.31 -11.02
C ILE A 7 -0.96 4.64 -10.94
N VAL A 8 -1.68 3.91 -10.13
CA VAL A 8 -3.12 4.11 -10.03
C VAL A 8 -3.41 5.20 -9.02
N CYS A 9 -4.43 6.00 -9.30
CA CYS A 9 -4.93 6.97 -8.33
C CYS A 9 -6.05 6.31 -7.52
N ALA A 10 -5.88 6.23 -6.21
CA ALA A 10 -6.89 5.61 -5.36
C ALA A 10 -8.14 6.49 -5.18
N SER A 11 -8.03 7.77 -5.52
CA SER A 11 -9.11 8.74 -5.32
C SER A 11 -10.09 8.76 -6.49
N CYS A 12 -9.62 8.67 -7.73
CA CYS A 12 -10.48 8.70 -8.89
C CYS A 12 -10.37 7.48 -9.81
N ASP A 13 -9.47 6.54 -9.49
CA ASP A 13 -9.23 5.28 -10.21
C ASP A 13 -8.40 5.40 -11.48
N ALA A 14 -7.96 6.61 -11.85
CA ALA A 14 -7.23 6.76 -13.10
C ALA A 14 -5.93 5.95 -13.06
N LYS A 15 -5.64 5.30 -14.17
CA LYS A 15 -4.39 4.56 -14.35
C LYS A 15 -3.41 5.53 -15.00
N ASN A 16 -2.56 6.18 -14.20
CA ASN A 16 -1.62 7.16 -14.73
C ASN A 16 -0.41 6.44 -15.31
N ARG A 17 -0.01 6.87 -16.51
CA ARG A 17 1.22 6.40 -17.15
C ARG A 17 2.33 7.37 -16.76
N VAL A 18 3.18 6.98 -15.82
CA VAL A 18 4.18 7.88 -15.25
C VAL A 18 5.56 7.42 -15.71
N PRO A 19 6.36 8.26 -16.37
CA PRO A 19 7.73 7.85 -16.69
C PRO A 19 8.49 7.45 -15.43
N GLU A 20 9.25 6.35 -15.52
CA GLU A 20 10.00 5.88 -14.38
C GLU A 20 10.83 7.00 -13.76
N GLU A 21 11.48 7.83 -14.59
CA GLU A 21 12.33 8.88 -14.06
C GLU A 21 11.56 9.99 -13.33
N LYS A 22 10.25 10.07 -13.52
CA LYS A 22 9.44 11.09 -12.89
C LYS A 22 8.91 10.64 -11.53
N LEU A 23 9.03 9.36 -11.18
CA LEU A 23 8.43 8.89 -9.93
C LEU A 23 8.98 9.64 -8.72
N THR A 24 10.27 9.93 -8.72
CA THR A 24 10.91 10.58 -7.60
C THR A 24 10.35 11.96 -7.34
N ALA A 25 9.78 12.60 -8.36
CA ALA A 25 9.22 13.93 -8.24
C ALA A 25 7.81 13.93 -7.66
N GLN A 26 7.26 12.76 -7.34
CA GLN A 26 5.99 12.66 -6.63
C GLN A 26 4.90 13.45 -7.36
N PRO A 27 4.62 13.12 -8.62
CA PRO A 27 3.62 13.87 -9.39
C PRO A 27 2.21 13.57 -8.89
N SER A 28 1.29 14.37 -9.36
CA SER A 28 -0.13 14.26 -9.04
C SER A 28 -0.88 13.60 -10.18
N CYS A 29 -2.03 13.04 -9.84
CA CYS A 29 -2.89 12.38 -10.82
C CYS A 29 -3.25 13.32 -11.94
N GLY A 30 -3.14 12.84 -13.19
CA GLY A 30 -3.47 13.68 -14.34
C GLY A 30 -4.94 14.01 -14.47
N GLN A 31 -5.82 13.23 -13.83
CA GLN A 31 -7.25 13.49 -13.89
C GLN A 31 -7.67 14.41 -12.73
N CYS A 32 -7.44 14.00 -11.48
CA CYS A 32 -7.99 14.69 -10.32
C CYS A 32 -6.97 15.47 -9.52
N HIS A 33 -5.69 15.36 -9.84
CA HIS A 33 -4.60 16.10 -9.21
C HIS A 33 -4.32 15.73 -7.76
N GLN A 34 -4.86 14.62 -7.25
CA GLN A 34 -4.42 14.12 -5.96
C GLN A 34 -3.02 13.50 -6.06
N PRO A 35 -2.25 13.48 -4.96
CA PRO A 35 -0.89 12.93 -5.03
C PRO A 35 -0.89 11.45 -5.40
N LEU A 36 -0.03 11.06 -6.33
CA LEU A 36 0.05 9.65 -6.71
C LEU A 36 0.98 8.86 -5.83
N LEU A 37 2.05 9.49 -5.34
CA LEU A 37 3.09 8.83 -4.56
C LEU A 37 3.37 9.69 -3.34
N PRO A 38 2.42 9.75 -2.42
CA PRO A 38 2.59 10.63 -1.24
C PRO A 38 3.67 10.18 -0.27
N LEU A 39 4.21 8.97 -0.40
CA LEU A 39 5.16 8.44 0.59
C LEU A 39 4.52 8.45 1.99
N GLU A 40 3.22 8.16 1.99
CA GLU A 40 2.39 7.98 3.17
C GLU A 40 1.42 6.86 2.85
N PRO A 41 0.78 6.28 3.86
CA PRO A 41 -0.18 5.20 3.58
C PRO A 41 -1.41 5.74 2.88
N ILE A 42 -1.82 5.03 1.84
CA ILE A 42 -3.04 5.38 1.11
C ILE A 42 -4.15 4.46 1.55
N GLU A 43 -5.38 4.92 1.40
CA GLU A 43 -6.55 4.18 1.87
C GLU A 43 -7.15 3.38 0.72
N LEU A 44 -7.21 2.07 0.90
CA LEU A 44 -7.94 1.21 -0.02
C LEU A 44 -9.19 0.66 0.65
N ASN A 45 -10.23 0.45 -0.15
CA ASN A 45 -11.52 0.00 0.35
C ASN A 45 -12.18 -0.79 -0.77
N GLU A 46 -13.39 -1.29 -0.51
CA GLU A 46 -14.04 -2.18 -1.47
C GLU A 46 -14.38 -1.47 -2.77
N GLN A 47 -14.38 -0.16 -2.80
CA GLN A 47 -14.74 0.61 -3.99
C GLN A 47 -13.53 1.05 -4.84
N ASN A 48 -12.28 0.88 -4.37
CA ASN A 48 -11.11 1.18 -5.19
C ASN A 48 -10.09 0.05 -5.24
N PHE A 49 -10.29 -1.04 -4.48
CA PHE A 49 -9.23 -2.01 -4.26
C PHE A 49 -8.87 -2.78 -5.54
N SER A 50 -9.85 -3.36 -6.21
CA SER A 50 -9.53 -4.26 -7.31
C SER A 50 -8.81 -3.49 -8.43
N ASN A 51 -9.33 -2.34 -8.77
CA ASN A 51 -8.67 -1.52 -9.80
C ASN A 51 -7.25 -1.17 -9.40
N TYR A 52 -7.03 -0.86 -8.13
CA TYR A 52 -5.72 -0.47 -7.65
C TYR A 52 -4.73 -1.62 -7.72
N ILE A 53 -5.09 -2.77 -7.16
CA ILE A 53 -4.15 -3.88 -7.10
C ILE A 53 -3.90 -4.46 -8.48
N THR A 54 -4.93 -4.48 -9.34
CA THR A 54 -4.79 -5.18 -10.62
C THR A 54 -3.90 -4.40 -11.57
N ASN A 55 -3.99 -3.06 -11.53
CA ASN A 55 -3.30 -2.28 -12.56
C ASN A 55 -1.96 -1.69 -12.12
N SER A 56 -1.64 -1.73 -10.83
CA SER A 56 -0.41 -1.11 -10.35
C SER A 56 0.82 -1.89 -10.77
N ASP A 57 1.83 -1.16 -11.23
CA ASP A 57 3.14 -1.76 -11.48
C ASP A 57 4.04 -1.85 -10.23
N LEU A 58 3.91 -0.95 -9.27
CA LEU A 58 4.80 -0.97 -8.11
C LEU A 58 4.30 -1.96 -7.07
N PRO A 59 5.19 -2.53 -6.27
CA PRO A 59 4.73 -3.38 -5.16
C PRO A 59 3.90 -2.54 -4.20
N ILE A 60 2.96 -3.20 -3.54
CA ILE A 60 2.03 -2.58 -2.60
C ILE A 60 2.10 -3.35 -1.29
N LEU A 61 2.48 -2.68 -0.21
CA LEU A 61 2.45 -3.28 1.12
C LEU A 61 1.18 -2.82 1.83
N ILE A 62 0.32 -3.76 2.18
CA ILE A 62 -1.01 -3.48 2.72
C ILE A 62 -1.02 -3.78 4.21
N ASP A 63 -1.48 -2.82 5.01
CA ASP A 63 -1.71 -2.99 6.44
C ASP A 63 -3.22 -3.14 6.65
N LEU A 64 -3.65 -4.34 7.04
CA LEU A 64 -5.04 -4.63 7.41
C LEU A 64 -5.17 -4.39 8.90
N TRP A 65 -6.07 -3.45 9.26
CA TRP A 65 -6.11 -2.87 10.60
C TRP A 65 -7.54 -2.55 10.99
N ALA A 66 -7.73 -2.26 12.28
CA ALA A 66 -9.02 -1.74 12.75
C ALA A 66 -8.78 -0.70 13.84
N GLU A 67 -9.75 0.20 14.02
CA GLU A 67 -9.54 1.35 14.91
C GLU A 67 -9.46 0.92 16.37
N TRP A 68 -10.10 -0.20 16.72
CA TRP A 68 -10.11 -0.65 18.11
C TRP A 68 -8.97 -1.57 18.47
N CYS A 69 -8.01 -1.73 17.58
CA CYS A 69 -6.94 -2.70 17.75
C CYS A 69 -5.70 -2.00 18.30
N GLY A 70 -5.30 -2.37 19.52
CA GLY A 70 -4.17 -1.76 20.16
C GLY A 70 -2.87 -1.99 19.42
N PRO A 71 -2.56 -3.24 19.05
CA PRO A 71 -1.34 -3.49 18.25
C PRO A 71 -1.31 -2.72 16.94
N CYS A 72 -2.46 -2.53 16.31
CA CYS A 72 -2.54 -1.71 15.10
C CYS A 72 -2.11 -0.28 15.38
N LYS A 73 -2.60 0.30 16.47
CA LYS A 73 -2.22 1.66 16.83
C LYS A 73 -0.74 1.75 17.15
N MET A 74 -0.18 0.72 17.77
CA MET A 74 1.26 0.70 18.01
C MET A 74 2.02 0.67 16.70
N MET A 75 1.54 -0.11 15.73
CA MET A 75 2.23 -0.27 14.46
C MET A 75 2.11 0.96 13.58
N ALA A 76 1.02 1.70 13.70
CA ALA A 76 0.71 2.73 12.71
C ALA A 76 1.84 3.73 12.50
N PRO A 77 2.46 4.32 13.52
CA PRO A 77 3.55 5.27 13.24
C PRO A 77 4.75 4.64 12.59
N HIS A 78 5.04 3.40 12.89
CA HIS A 78 6.17 2.73 12.26
C HIS A 78 5.89 2.42 10.80
N PHE A 79 4.67 1.99 10.50
CA PHE A 79 4.25 1.80 9.11
C PHE A 79 4.34 3.10 8.33
N ALA A 80 3.92 4.22 8.93
CA ALA A 80 4.02 5.51 8.23
C ALA A 80 5.47 5.94 8.03
N GLN A 81 6.31 5.69 9.03
CA GLN A 81 7.72 6.05 8.88
C GLN A 81 8.38 5.25 7.76
N VAL A 82 8.17 3.92 7.75
CA VAL A 82 8.74 3.10 6.68
C VAL A 82 8.19 3.50 5.34
N ALA A 83 6.94 3.94 5.26
CA ALA A 83 6.41 4.41 3.97
C ALA A 83 7.25 5.54 3.42
N LYS A 84 7.73 6.45 4.30
CA LYS A 84 8.60 7.54 3.83
C LYS A 84 9.94 7.06 3.26
N GLN A 85 10.36 5.84 3.59
CA GLN A 85 11.69 5.34 3.28
C GLN A 85 11.75 4.51 2.02
N ASN A 86 10.62 4.31 1.35
CA ASN A 86 10.54 3.40 0.20
C ASN A 86 9.74 4.07 -0.90
N PRO A 87 10.38 4.96 -1.66
CA PRO A 87 9.64 5.76 -2.65
C PRO A 87 9.08 4.95 -3.80
N ARG A 88 9.51 3.71 -4.00
CA ARG A 88 9.02 2.90 -5.10
C ARG A 88 8.14 1.75 -4.63
N VAL A 89 7.62 1.85 -3.40
CA VAL A 89 6.68 0.88 -2.86
C VAL A 89 5.48 1.67 -2.37
N ILE A 90 4.29 1.22 -2.75
CA ILE A 90 3.07 1.85 -2.27
C ILE A 90 2.72 1.25 -0.92
N PHE A 91 2.48 2.07 0.07
CA PHE A 91 2.02 1.64 1.39
C PHE A 91 0.53 1.94 1.45
N ALA A 92 -0.28 0.92 1.75
CA ALA A 92 -1.73 1.05 1.71
C ALA A 92 -2.32 0.49 3.00
N LYS A 93 -3.53 0.95 3.34
CA LYS A 93 -4.24 0.47 4.50
C LYS A 93 -5.64 0.03 4.12
N ILE A 94 -6.07 -1.09 4.67
CA ILE A 94 -7.42 -1.60 4.51
C ILE A 94 -7.99 -1.79 5.91
N ASN A 95 -9.11 -1.14 6.20
CA ASN A 95 -9.76 -1.28 7.49
C ASN A 95 -10.66 -2.51 7.43
N THR A 96 -10.38 -3.51 8.27
CA THR A 96 -11.09 -4.79 8.17
C THR A 96 -12.56 -4.69 8.53
N GLU A 97 -12.94 -3.70 9.32
CA GLU A 97 -14.34 -3.52 9.68
C GLU A 97 -15.09 -2.77 8.59
N GLU A 98 -14.43 -1.79 7.97
CA GLU A 98 -15.00 -1.07 6.83
C GLU A 98 -15.06 -1.97 5.59
N SER A 99 -14.12 -2.90 5.45
CA SER A 99 -13.97 -3.70 4.24
C SER A 99 -13.92 -5.18 4.60
N PRO A 100 -15.02 -5.72 5.14
CA PRO A 100 -14.97 -7.11 5.64
C PRO A 100 -14.76 -8.14 4.55
N ARG A 101 -15.24 -7.91 3.33
CA ARG A 101 -15.03 -8.86 2.25
C ARG A 101 -13.57 -8.90 1.83
N LEU A 102 -12.87 -7.77 1.89
CA LEU A 102 -11.44 -7.76 1.60
C LEU A 102 -10.67 -8.45 2.70
N SER A 103 -11.03 -8.18 3.96
CA SER A 103 -10.37 -8.88 5.06
C SER A 103 -10.53 -10.38 4.91
N GLN A 104 -11.75 -10.84 4.58
CA GLN A 104 -11.97 -12.27 4.41
C GLN A 104 -11.17 -12.82 3.25
N ALA A 105 -11.11 -12.08 2.15
CA ALA A 105 -10.39 -12.54 0.97
C ALA A 105 -8.89 -12.69 1.24
N PHE A 106 -8.35 -11.86 2.15
CA PHE A 106 -6.96 -12.00 2.57
C PHE A 106 -6.78 -13.02 3.69
N ASN A 107 -7.85 -13.66 4.16
CA ASN A 107 -7.77 -14.69 5.19
C ASN A 107 -7.09 -14.15 6.45
N VAL A 108 -7.48 -12.95 6.84
CA VAL A 108 -6.90 -12.31 8.02
C VAL A 108 -7.36 -13.04 9.28
N ARG A 109 -6.42 -13.27 10.21
CA ARG A 109 -6.74 -13.70 11.56
C ARG A 109 -6.49 -12.54 12.50
N SER A 110 -5.37 -12.48 13.21
CA SER A 110 -5.11 -11.33 14.05
C SER A 110 -4.68 -10.14 13.19
N ILE A 111 -4.84 -8.95 13.76
CA ILE A 111 -4.40 -7.71 13.11
C ILE A 111 -3.43 -7.02 14.05
N PRO A 112 -2.50 -6.21 13.54
CA PRO A 112 -2.38 -5.91 12.10
C PRO A 112 -1.81 -7.09 11.34
N THR A 113 -2.25 -7.25 10.09
CA THR A 113 -1.61 -8.17 9.16
C THR A 113 -1.10 -7.35 7.99
N LEU A 114 0.14 -7.57 7.61
CA LEU A 114 0.73 -6.90 6.47
C LEU A 114 0.88 -7.90 5.34
N VAL A 115 0.42 -7.52 4.15
CA VAL A 115 0.48 -8.38 2.97
C VAL A 115 1.18 -7.61 1.87
N LEU A 116 2.24 -8.17 1.32
CA LEU A 116 2.98 -7.54 0.24
C LEU A 116 2.52 -8.13 -1.08
N MET A 117 2.01 -7.27 -1.96
CA MET A 117 1.51 -7.66 -3.27
C MET A 117 2.46 -7.10 -4.33
N ASN A 118 2.60 -7.85 -5.41
CA ASN A 118 3.37 -7.35 -6.54
C ASN A 118 2.73 -7.87 -7.80
N LYS A 119 2.27 -6.96 -8.65
CA LYS A 119 1.70 -7.33 -9.95
C LYS A 119 0.60 -8.38 -9.79
N THR A 120 -0.29 -8.15 -8.82
CA THR A 120 -1.47 -8.94 -8.51
C THR A 120 -1.20 -10.19 -7.65
N THR A 121 0.05 -10.54 -7.38
CA THR A 121 0.42 -11.76 -6.66
C THR A 121 0.84 -11.43 -5.25
N GLU A 122 0.44 -12.27 -4.29
CA GLU A 122 0.92 -12.11 -2.93
C GLU A 122 2.37 -12.63 -2.85
N VAL A 123 3.29 -11.76 -2.46
CA VAL A 123 4.70 -12.10 -2.31
C VAL A 123 4.98 -12.69 -0.93
N ALA A 124 4.42 -12.09 0.11
CA ALA A 124 4.74 -12.43 1.49
C ALA A 124 3.72 -11.77 2.40
N ARG A 125 3.65 -12.24 3.63
CA ARG A 125 2.84 -11.58 4.65
C ARG A 125 3.44 -11.80 6.01
N MET A 126 3.00 -10.99 6.96
CA MET A 126 3.39 -11.13 8.36
C MET A 126 2.26 -10.56 9.21
N SER A 127 2.27 -10.89 10.50
CA SER A 127 1.29 -10.30 11.40
C SER A 127 1.98 -9.82 12.67
N GLY A 128 1.30 -8.92 13.37
CA GLY A 128 1.82 -8.37 14.61
C GLY A 128 2.53 -7.05 14.39
N ALA A 129 2.57 -6.25 15.45
CA ALA A 129 3.27 -4.98 15.38
C ALA A 129 4.77 -5.18 15.28
N LEU A 130 5.43 -4.27 14.58
CA LEU A 130 6.88 -4.26 14.44
C LEU A 130 7.34 -2.82 14.54
N ARG A 131 8.56 -2.63 15.03
CA ARG A 131 9.16 -1.29 14.98
C ARG A 131 9.74 -1.03 13.58
N ALA A 132 9.94 0.24 13.27
CA ALA A 132 10.38 0.63 11.94
C ALA A 132 11.62 -0.11 11.44
N PRO A 133 12.71 -0.23 12.20
CA PRO A 133 13.87 -0.92 11.63
C PRO A 133 13.58 -2.36 11.22
N GLU A 134 12.86 -3.10 12.07
CA GLU A 134 12.49 -4.47 11.75
C GLU A 134 11.54 -4.54 10.56
N LEU A 135 10.61 -3.59 10.46
CA LEU A 135 9.71 -3.59 9.30
C LEU A 135 10.47 -3.35 8.00
N GLN A 136 11.38 -2.36 7.99
CA GLN A 136 12.20 -2.09 6.82
C GLN A 136 13.02 -3.31 6.43
N GLN A 137 13.60 -3.99 7.42
CA GLN A 137 14.40 -5.19 7.14
C GLN A 137 13.53 -6.29 6.54
N TRP A 138 12.33 -6.51 7.08
CA TRP A 138 11.44 -7.51 6.51
C TRP A 138 11.10 -7.16 5.06
N LEU A 139 10.74 -5.89 4.81
CA LEU A 139 10.40 -5.48 3.47
C LEU A 139 11.56 -5.74 2.51
N ASP A 140 12.76 -5.29 2.89
CA ASP A 140 13.94 -5.49 2.05
C ASP A 140 14.17 -6.96 1.75
N GLN A 141 13.97 -7.82 2.75
CA GLN A 141 14.18 -9.25 2.52
C GLN A 141 13.23 -9.77 1.45
N GLN A 142 11.98 -9.28 1.44
CA GLN A 142 11.03 -9.79 0.46
C GLN A 142 11.26 -9.23 -0.93
N LEU A 143 11.72 -7.99 -1.05
CA LEU A 143 11.92 -7.36 -2.35
C LEU A 143 13.39 -7.47 -2.75
ZN ZN B . -7.09 10.81 -9.63
ZN ZN C . 13.24 1.30 -16.56
#